data_5YDM
#
_entry.id   5YDM
#
_cell.length_a   108.927
_cell.length_b   108.927
_cell.length_c   144.838
_cell.angle_alpha   90.00
_cell.angle_beta   90.00
_cell.angle_gamma   90.00
#
_symmetry.space_group_name_H-M   'P 43 2 2'
#
loop_
_entity.id
_entity.type
_entity.pdbx_description
1 polymer PKS
2 non-polymer '(2R)-2-methanoyl-3-phenyl-propanoic acid'
3 water water
#
_entity_poly.entity_id   1
_entity_poly.type   'polypeptide(L)'
_entity_poly.pdbx_seq_one_letter_code
;MGSHHHHHHHHGSDYDIPTTENLYFQGSGRRLVLPVSARTSGALRGQAHALARRLEERPGLRLDDVAGALRADRPALRHR
LTVSASSVPEAVEALRAAVPAVPPVPDEPPKVAFLLPGGGTQYVGMGSGLYRENDVYRDTVDRCAAVLRPALGSDLRTAL
FEEVEPGSTAAFMALFVTEYALARTLMEEGVRPDALIGHSLGEYTAACLAGVMEIDEALPVVAERIRLIASSGGATVGVA
ACADTVLPLLGEGLSLAAVNSPVACTVAGDTDAVDRLEAELTRRGVPFRRLRMPAAAHSHVLDPILESFAGHLRTLTLRP
PRIPYVTNVTGDWATDAQATDVGHWVDHTRRTVRFADGIAALWERERPVLVEIGPGDSLTKLARARLDGEGPVTVTTMRH
AKAQAADGFVLAEALGRLWSAGVDAALPHVPRP
;
_entity_poly.pdbx_strand_id   A
#
# COMPACT_ATOMS: atom_id res chain seq x y z
N ASN A 22 13.43 -19.06 12.24
CA ASN A 22 14.63 -18.37 11.75
C ASN A 22 14.22 -17.05 11.09
N LEU A 23 14.49 -15.94 11.78
CA LEU A 23 14.42 -14.62 11.14
C LEU A 23 15.79 -13.95 11.16
N TYR A 24 16.85 -14.74 11.30
CA TYR A 24 18.21 -14.24 11.14
C TYR A 24 18.39 -13.73 9.72
N PHE A 25 19.16 -12.66 9.59
CA PHE A 25 19.38 -12.05 8.29
C PHE A 25 20.14 -12.99 7.35
N GLN A 26 19.67 -13.08 6.10
CA GLN A 26 20.33 -13.87 5.08
C GLN A 26 20.90 -13.03 3.95
N GLY A 27 20.54 -11.75 3.86
CA GLY A 27 20.94 -10.93 2.74
C GLY A 27 20.15 -11.26 1.49
N SER A 28 20.53 -10.61 0.40
CA SER A 28 19.93 -10.92 -0.87
C SER A 28 20.26 -12.36 -1.25
N GLY A 29 19.34 -13.00 -1.94
CA GLY A 29 19.62 -14.34 -2.44
C GLY A 29 20.10 -14.27 -3.88
N ARG A 30 19.67 -15.22 -4.70
CA ARG A 30 20.08 -15.26 -6.09
C ARG A 30 19.09 -14.57 -7.02
N ARG A 31 17.94 -14.15 -6.51
CA ARG A 31 16.87 -13.65 -7.35
C ARG A 31 17.31 -12.38 -8.08
N LEU A 32 17.16 -12.40 -9.41
CA LEU A 32 17.52 -11.26 -10.23
C LEU A 32 16.37 -10.94 -11.17
N VAL A 33 16.36 -9.68 -11.62
CA VAL A 33 15.41 -9.19 -12.59
C VAL A 33 16.11 -9.05 -13.93
N LEU A 34 15.53 -9.66 -14.97
CA LEU A 34 16.10 -9.59 -16.31
C LEU A 34 15.25 -8.66 -17.17
N PRO A 35 15.78 -7.52 -17.61
CA PRO A 35 15.00 -6.63 -18.46
C PRO A 35 15.14 -6.96 -19.94
N VAL A 36 14.04 -6.73 -20.66
CA VAL A 36 14.00 -6.92 -22.11
C VAL A 36 13.22 -5.74 -22.70
N SER A 37 13.83 -5.04 -23.66
CA SER A 37 13.12 -4.00 -24.39
C SER A 37 13.30 -4.16 -25.88
N ALA A 38 12.25 -3.83 -26.62
CA ALA A 38 12.22 -3.81 -28.08
C ALA A 38 11.60 -2.49 -28.52
N ARG A 39 11.39 -2.33 -29.83
CA ARG A 39 10.73 -1.15 -30.35
C ARG A 39 9.30 -1.40 -30.77
N THR A 40 8.87 -2.67 -30.84
CA THR A 40 7.54 -3.06 -31.30
C THR A 40 6.90 -3.98 -30.26
N SER A 41 5.57 -4.02 -30.29
CA SER A 41 4.73 -4.72 -29.31
C SER A 41 5.02 -6.18 -28.85
N GLY A 42 5.63 -7.06 -29.65
CA GLY A 42 5.83 -6.97 -31.09
C GLY A 42 7.13 -7.71 -31.37
N ALA A 43 8.18 -6.94 -31.59
CA ALA A 43 9.52 -7.50 -31.44
C ALA A 43 9.81 -7.86 -29.99
N LEU A 44 9.07 -7.28 -29.04
CA LEU A 44 9.29 -7.57 -27.63
C LEU A 44 9.11 -9.06 -27.34
N ARG A 45 7.97 -9.63 -27.76
CA ARG A 45 7.76 -11.07 -27.62
C ARG A 45 8.89 -11.86 -28.25
N GLY A 46 9.29 -11.46 -29.46
CA GLY A 46 10.33 -12.14 -30.21
C GLY A 46 11.63 -12.29 -29.45
N GLN A 47 12.17 -11.15 -28.99
CA GLN A 47 13.44 -11.16 -28.29
C GLN A 47 13.38 -11.94 -26.98
N ALA A 48 12.22 -11.93 -26.32
CA ALA A 48 12.10 -12.69 -25.08
C ALA A 48 12.28 -14.19 -25.33
N HIS A 49 11.76 -14.70 -26.47
CA HIS A 49 12.03 -16.09 -26.84
C HIS A 49 13.47 -16.29 -27.26
N ALA A 50 14.00 -15.36 -28.07
CA ALA A 50 15.41 -15.41 -28.46
C ALA A 50 16.30 -15.57 -27.22
N LEU A 51 16.09 -14.71 -26.23
CA LEU A 51 16.92 -14.77 -25.03
C LEU A 51 16.78 -16.11 -24.33
N ALA A 52 15.57 -16.68 -24.32
CA ALA A 52 15.38 -17.98 -23.71
C ALA A 52 16.11 -19.06 -24.50
N ARG A 53 16.05 -18.98 -25.83
CA ARG A 53 16.75 -19.96 -26.65
C ARG A 53 18.26 -19.83 -26.46
N ARG A 54 18.77 -18.59 -26.40
CA ARG A 54 20.19 -18.37 -26.13
C ARG A 54 20.61 -18.97 -24.79
N LEU A 55 19.74 -18.91 -23.78
CA LEU A 55 20.14 -19.31 -22.44
C LEU A 55 20.22 -20.82 -22.26
N GLU A 56 19.25 -21.56 -22.81
CA GLU A 56 19.33 -23.01 -22.67
C GLU A 56 20.43 -23.60 -23.52
N GLU A 57 20.79 -22.91 -24.62
CA GLU A 57 21.83 -23.34 -25.54
C GLU A 57 23.21 -22.79 -25.18
N ARG A 58 23.46 -22.46 -23.90
CA ARG A 58 24.75 -21.93 -23.49
C ARG A 58 25.01 -22.22 -22.01
N PRO A 59 25.32 -23.47 -21.64
CA PRO A 59 25.53 -23.79 -20.22
C PRO A 59 26.67 -23.01 -19.58
N GLY A 60 27.43 -22.24 -20.35
CA GLY A 60 28.40 -21.34 -19.73
C GLY A 60 27.72 -20.18 -19.01
N LEU A 61 26.74 -19.56 -19.64
CA LEU A 61 26.05 -18.39 -19.09
C LEU A 61 25.52 -18.45 -17.66
N ARG A 62 25.93 -17.50 -16.83
CA ARG A 62 25.46 -17.43 -15.48
C ARG A 62 24.38 -16.36 -15.41
N LEU A 63 23.43 -16.48 -14.50
CA LEU A 63 22.37 -15.49 -14.36
C LEU A 63 23.09 -14.18 -14.13
N ASP A 64 23.91 -14.18 -13.10
CA ASP A 64 24.94 -13.18 -12.86
C ASP A 64 25.22 -12.30 -14.08
N ASP A 65 25.82 -12.88 -15.13
CA ASP A 65 26.34 -12.09 -16.24
C ASP A 65 25.24 -11.67 -17.20
N VAL A 66 24.25 -12.54 -17.41
CA VAL A 66 23.15 -12.18 -18.32
C VAL A 66 22.39 -10.97 -17.78
N ALA A 67 22.14 -10.94 -16.46
CA ALA A 67 21.52 -9.78 -15.83
C ALA A 67 22.35 -8.52 -16.06
N GLY A 68 23.67 -8.62 -15.88
CA GLY A 68 24.54 -7.47 -16.15
C GLY A 68 24.54 -7.05 -17.60
N ALA A 69 24.67 -8.03 -18.50
CA ALA A 69 24.72 -7.70 -19.93
C ALA A 69 23.40 -7.08 -20.39
N LEU A 70 22.28 -7.56 -19.87
CA LEU A 70 20.98 -7.04 -20.27
C LEU A 70 20.85 -5.56 -19.96
N ARG A 71 21.54 -5.08 -18.93
CA ARG A 71 21.50 -3.66 -18.56
C ARG A 71 22.50 -2.86 -19.38
N ALA A 72 23.76 -3.29 -19.40
CA ALA A 72 24.84 -2.49 -19.97
C ALA A 72 24.87 -2.53 -21.50
N ASP A 73 24.55 -3.68 -22.10
CA ASP A 73 24.83 -3.93 -23.52
C ASP A 73 23.58 -3.89 -24.38
N ARG A 74 22.48 -3.31 -23.88
CA ARG A 74 21.31 -3.10 -24.71
C ARG A 74 20.66 -1.80 -24.29
N PRO A 75 20.10 -1.04 -25.23
CA PRO A 75 19.41 0.21 -24.85
C PRO A 75 18.08 -0.10 -24.18
N ALA A 76 17.64 0.83 -23.35
CA ALA A 76 16.33 0.74 -22.70
C ALA A 76 15.29 1.35 -23.62
N LEU A 77 14.66 0.49 -24.42
CA LEU A 77 13.74 0.91 -25.48
C LEU A 77 12.32 1.13 -24.92
N ARG A 78 11.34 1.36 -25.81
CA ARG A 78 10.00 1.81 -25.42
C ARG A 78 9.11 0.67 -24.91
N HIS A 79 9.22 -0.52 -25.49
CA HIS A 79 8.39 -1.65 -25.12
C HIS A 79 9.19 -2.58 -24.22
N ARG A 80 8.69 -2.82 -23.00
CA ARG A 80 9.48 -3.49 -21.97
C ARG A 80 8.70 -4.60 -21.29
N LEU A 81 9.45 -5.64 -20.89
CA LEU A 81 8.98 -6.60 -19.90
C LEU A 81 10.19 -7.03 -19.09
N THR A 82 9.91 -7.75 -18.00
CA THR A 82 10.97 -8.32 -17.18
C THR A 82 10.54 -9.71 -16.76
N VAL A 83 11.53 -10.50 -16.33
CA VAL A 83 11.28 -11.74 -15.61
C VAL A 83 12.15 -11.70 -14.36
N SER A 84 11.72 -12.45 -13.35
CA SER A 84 12.46 -12.65 -12.11
C SER A 84 12.90 -14.10 -12.05
N ALA A 85 14.15 -14.33 -11.64
CA ALA A 85 14.64 -15.70 -11.61
C ALA A 85 15.83 -15.81 -10.67
N SER A 86 16.00 -17.01 -10.12
CA SER A 86 17.09 -17.34 -9.21
C SER A 86 18.08 -18.32 -9.83
N SER A 87 17.95 -18.58 -11.12
CA SER A 87 18.68 -19.62 -11.84
C SER A 87 18.25 -19.54 -13.29
N VAL A 88 19.07 -20.04 -14.20
CA VAL A 88 18.82 -19.81 -15.63
C VAL A 88 17.63 -20.62 -16.12
N PRO A 89 17.47 -21.90 -15.77
CA PRO A 89 16.25 -22.61 -16.21
C PRO A 89 14.95 -21.93 -15.76
N GLU A 90 14.92 -21.39 -14.55
CA GLU A 90 13.76 -20.62 -14.11
C GLU A 90 13.52 -19.42 -15.03
N ALA A 91 14.61 -18.75 -15.45
CA ALA A 91 14.47 -17.59 -16.33
C ALA A 91 14.01 -17.98 -17.72
N VAL A 92 14.54 -19.10 -18.24
CA VAL A 92 14.15 -19.58 -19.56
C VAL A 92 12.65 -19.80 -19.61
N GLU A 93 12.11 -20.49 -18.61
CA GLU A 93 10.69 -20.79 -18.57
C GLU A 93 9.85 -19.53 -18.46
N ALA A 94 10.32 -18.56 -17.66
CA ALA A 94 9.59 -17.30 -17.52
C ALA A 94 9.64 -16.49 -18.82
N LEU A 95 10.77 -16.54 -19.53
CA LEU A 95 10.88 -15.79 -20.78
C LEU A 95 9.99 -16.40 -21.87
N ARG A 96 9.85 -17.73 -21.89
CA ARG A 96 8.87 -18.37 -22.77
C ARG A 96 7.48 -17.82 -22.53
N ALA A 97 7.01 -17.92 -21.27
CA ALA A 97 5.68 -17.50 -20.89
C ALA A 97 5.49 -15.99 -20.91
N ALA A 98 6.56 -15.22 -21.18
CA ALA A 98 6.50 -13.78 -20.98
C ALA A 98 5.54 -13.14 -21.97
N VAL A 99 4.71 -12.23 -21.46
CA VAL A 99 3.79 -11.44 -22.27
C VAL A 99 3.88 -10.01 -21.78
N PRO A 100 4.01 -9.02 -22.65
CA PRO A 100 4.02 -7.62 -22.19
C PRO A 100 2.80 -7.32 -21.33
N ALA A 101 3.02 -6.58 -20.25
CA ALA A 101 1.96 -6.31 -19.29
C ALA A 101 1.62 -4.84 -19.11
N VAL A 102 2.48 -3.93 -19.55
CA VAL A 102 2.24 -2.50 -19.40
C VAL A 102 2.26 -1.89 -20.79
N PRO A 103 1.68 -0.70 -20.96
CA PRO A 103 1.83 0.03 -22.23
C PRO A 103 3.27 0.49 -22.42
N PRO A 104 3.67 0.76 -23.66
CA PRO A 104 5.02 1.31 -23.88
C PRO A 104 5.29 2.53 -23.01
N VAL A 105 6.53 2.67 -22.58
CA VAL A 105 6.98 3.79 -21.77
C VAL A 105 6.50 5.08 -22.44
N PRO A 106 5.89 6.01 -21.71
CA PRO A 106 5.56 7.31 -22.31
C PRO A 106 6.82 8.12 -22.59
N ASP A 107 6.63 9.22 -23.30
CA ASP A 107 7.76 10.03 -23.73
C ASP A 107 8.36 10.81 -22.57
N GLU A 108 7.53 11.32 -21.71
CA GLU A 108 8.11 11.79 -20.46
C GLU A 108 8.08 10.66 -19.43
N PRO A 109 9.07 10.56 -18.55
CA PRO A 109 9.04 9.53 -17.51
C PRO A 109 7.81 9.70 -16.63
N PRO A 110 7.10 8.63 -16.32
CA PRO A 110 5.83 8.75 -15.59
C PRO A 110 6.05 9.18 -14.14
N LYS A 111 5.02 9.82 -13.58
CA LYS A 111 4.94 10.04 -12.14
C LYS A 111 4.62 8.73 -11.39
N VAL A 112 5.05 8.69 -10.13
CA VAL A 112 4.83 7.54 -9.26
C VAL A 112 4.04 8.00 -8.04
N ALA A 113 2.94 7.31 -7.74
CA ALA A 113 2.19 7.54 -6.51
C ALA A 113 2.24 6.29 -5.63
N PHE A 114 2.34 6.51 -4.31
CA PHE A 114 2.22 5.44 -3.32
C PHE A 114 0.82 5.44 -2.73
N LEU A 115 0.19 4.27 -2.69
CA LEU A 115 -1.14 4.12 -2.07
C LEU A 115 -0.98 3.31 -0.78
N LEU A 116 -1.35 3.92 0.34
CA LEU A 116 -1.08 3.33 1.65
C LEU A 116 -2.37 2.79 2.28
N PRO A 117 -2.53 1.48 2.39
CA PRO A 117 -3.81 0.91 2.88
C PRO A 117 -4.08 1.20 4.35
N GLY A 118 -5.37 1.08 4.70
CA GLY A 118 -5.81 1.12 6.07
C GLY A 118 -5.90 -0.29 6.64
N GLY A 119 -6.48 -0.38 7.83
CA GLY A 119 -6.61 -1.68 8.46
C GLY A 119 -7.44 -2.65 7.62
N GLY A 120 -7.17 -3.94 7.81
CA GLY A 120 -8.00 -4.93 7.15
C GLY A 120 -7.23 -6.02 6.41
N THR A 121 -5.97 -5.79 6.04
CA THR A 121 -5.17 -6.81 5.38
C THR A 121 -3.92 -7.20 6.17
N GLN A 122 -3.74 -6.69 7.38
CA GLN A 122 -2.59 -7.11 8.17
C GLN A 122 -2.68 -8.61 8.46
N TYR A 123 -1.51 -9.24 8.60
CA TYR A 123 -1.48 -10.62 9.08
C TYR A 123 -0.12 -10.92 9.70
N VAL A 124 -0.11 -11.90 10.60
CA VAL A 124 1.13 -12.38 11.20
C VAL A 124 1.98 -13.03 10.13
N GLY A 125 3.23 -12.57 10.03
CA GLY A 125 4.15 -13.08 9.05
C GLY A 125 4.44 -12.13 7.91
N MET A 126 3.69 -11.05 7.78
CA MET A 126 3.85 -10.17 6.62
C MET A 126 5.22 -9.51 6.63
N GLY A 127 5.88 -9.56 5.47
CA GLY A 127 7.18 -8.97 5.27
C GLY A 127 8.33 -9.74 5.90
N SER A 128 8.07 -10.93 6.46
CA SER A 128 9.16 -11.65 7.11
C SER A 128 10.24 -12.03 6.12
N GLY A 129 9.87 -12.25 4.86
CA GLY A 129 10.88 -12.45 3.83
C GLY A 129 11.71 -11.21 3.56
N LEU A 130 11.08 -10.04 3.55
CA LEU A 130 11.88 -8.84 3.34
C LEU A 130 12.72 -8.53 4.57
N TYR A 131 12.24 -8.93 5.76
CA TYR A 131 13.01 -8.75 6.98
C TYR A 131 14.28 -9.60 6.98
N ARG A 132 14.25 -10.77 6.34
CA ARG A 132 15.41 -11.63 6.27
C ARG A 132 16.34 -11.30 5.11
N GLU A 133 15.85 -10.56 4.11
CA GLU A 133 16.58 -10.35 2.87
C GLU A 133 17.09 -8.93 2.69
N ASN A 134 16.41 -7.93 3.23
CA ASN A 134 16.63 -6.54 2.85
C ASN A 134 17.02 -5.73 4.08
N ASP A 135 18.23 -5.17 4.06
CA ASP A 135 18.74 -4.58 5.30
C ASP A 135 18.05 -3.26 5.61
N VAL A 136 17.61 -2.51 4.59
CA VAL A 136 16.82 -1.30 4.87
C VAL A 136 15.51 -1.68 5.54
N TYR A 137 14.81 -2.69 4.99
CA TYR A 137 13.56 -3.15 5.59
C TYR A 137 13.80 -3.65 7.01
N ARG A 138 14.88 -4.40 7.21
CA ARG A 138 15.24 -4.91 8.54
C ARG A 138 15.53 -3.77 9.51
N ASP A 139 16.34 -2.78 9.08
CA ASP A 139 16.68 -1.70 9.99
C ASP A 139 15.47 -0.85 10.34
N THR A 140 14.61 -0.59 9.36
CA THR A 140 13.44 0.24 9.63
C THR A 140 12.51 -0.44 10.63
N VAL A 141 12.24 -1.73 10.45
CA VAL A 141 11.44 -2.46 11.44
C VAL A 141 12.11 -2.40 12.81
N ASP A 142 13.39 -2.67 12.86
CA ASP A 142 14.12 -2.64 14.11
C ASP A 142 14.07 -1.33 14.83
N ARG A 143 14.15 -0.26 14.10
CA ARG A 143 14.11 1.04 14.65
C ARG A 143 12.73 1.42 15.16
N CYS A 144 11.68 1.01 14.47
CA CYS A 144 10.33 1.26 14.84
C CYS A 144 9.96 0.45 16.07
N ALA A 145 10.39 -0.80 16.12
CA ALA A 145 10.15 -1.62 17.31
C ALA A 145 10.74 -0.98 18.57
N ALA A 146 11.97 -0.45 18.47
CA ALA A 146 12.59 0.14 19.65
C ALA A 146 11.87 1.43 20.06
N VAL A 147 11.54 2.30 19.10
CA VAL A 147 10.79 3.51 19.45
C VAL A 147 9.49 3.19 20.16
N LEU A 148 8.77 2.16 19.68
CA LEU A 148 7.41 1.83 20.11
C LEU A 148 7.35 1.04 21.41
N ARG A 149 8.47 0.56 21.93
CA ARG A 149 8.40 -0.29 23.11
C ARG A 149 7.73 0.38 24.32
N PRO A 150 7.95 1.66 24.63
CA PRO A 150 7.18 2.29 25.74
C PRO A 150 5.69 2.42 25.48
N ALA A 151 5.27 2.88 24.31
CA ALA A 151 3.84 3.03 24.09
C ALA A 151 3.15 1.68 23.98
N LEU A 152 3.81 0.72 23.36
CA LEU A 152 3.17 -0.55 23.06
C LEU A 152 3.18 -1.51 24.23
N GLY A 153 4.26 -1.52 25.04
CA GLY A 153 4.43 -2.48 26.10
C GLY A 153 4.96 -3.82 25.67
N SER A 154 5.36 -3.98 24.40
CA SER A 154 5.86 -5.24 23.89
C SER A 154 6.83 -4.94 22.75
N ASP A 155 7.47 -5.98 22.23
CA ASP A 155 8.33 -5.84 21.07
C ASP A 155 7.49 -6.08 19.82
N LEU A 156 7.37 -5.03 18.98
CA LEU A 156 6.51 -5.12 17.79
C LEU A 156 6.83 -6.31 16.91
N ARG A 157 8.09 -6.74 16.87
CA ARG A 157 8.49 -7.84 15.99
C ARG A 157 7.84 -9.15 16.39
N THR A 158 7.41 -9.29 17.64
CA THR A 158 6.61 -10.43 18.06
C THR A 158 5.24 -10.42 17.36
N ALA A 159 4.56 -9.28 17.38
CA ALA A 159 3.30 -9.15 16.66
C ALA A 159 3.51 -9.30 15.16
N LEU A 160 4.63 -8.81 14.63
CA LEU A 160 4.85 -8.84 13.18
C LEU A 160 5.04 -10.27 12.69
N PHE A 161 5.82 -11.07 13.43
CA PHE A 161 6.36 -12.30 12.86
C PHE A 161 6.00 -13.59 13.59
N GLU A 162 5.45 -13.52 14.80
CA GLU A 162 5.20 -14.73 15.58
C GLU A 162 3.74 -14.88 15.95
N GLU A 163 3.18 -13.98 16.75
CA GLU A 163 1.79 -14.06 17.18
C GLU A 163 1.26 -12.66 17.53
N VAL A 164 -0.02 -12.44 17.28
CA VAL A 164 -0.66 -11.18 17.67
C VAL A 164 -2.15 -11.43 17.89
N GLU A 165 -2.72 -10.70 18.83
CA GLU A 165 -4.15 -10.67 19.02
C GLU A 165 -4.82 -9.87 17.90
N PRO A 166 -5.70 -10.48 17.10
CA PRO A 166 -6.38 -9.73 16.02
C PRO A 166 -7.04 -8.47 16.54
N GLY A 167 -6.90 -7.38 15.78
CA GLY A 167 -7.52 -6.12 16.17
C GLY A 167 -6.89 -5.40 17.35
N SER A 168 -5.78 -5.91 17.90
CA SER A 168 -5.12 -5.25 19.02
C SER A 168 -4.30 -4.05 18.55
N THR A 169 -3.83 -3.27 19.52
CA THR A 169 -3.01 -2.12 19.18
C THR A 169 -1.77 -2.55 18.40
N ALA A 170 -1.11 -3.63 18.86
CA ALA A 170 0.09 -4.11 18.18
C ALA A 170 -0.24 -4.59 16.77
N ALA A 171 -1.39 -5.24 16.57
CA ALA A 171 -1.73 -5.73 15.24
C ALA A 171 -1.81 -4.59 14.25
N PHE A 172 -2.40 -3.47 14.67
CA PHE A 172 -2.51 -2.29 13.81
C PHE A 172 -1.16 -1.58 13.67
N MET A 173 -0.36 -1.52 14.75
CA MET A 173 0.97 -0.94 14.58
C MET A 173 1.86 -1.79 13.70
N ALA A 174 1.60 -3.10 13.64
CA ALA A 174 2.39 -3.96 12.75
C ALA A 174 2.18 -3.55 11.30
N LEU A 175 0.93 -3.20 10.94
CA LEU A 175 0.63 -2.77 9.58
C LEU A 175 1.28 -1.43 9.27
N PHE A 176 1.22 -0.49 10.22
CA PHE A 176 1.83 0.82 10.03
C PHE A 176 3.33 0.70 9.73
N VAL A 177 4.04 -0.12 10.51
CA VAL A 177 5.47 -0.23 10.37
C VAL A 177 5.83 -0.98 9.10
N THR A 178 5.02 -2.00 8.76
CA THR A 178 5.19 -2.71 7.50
C THR A 178 5.08 -1.75 6.32
N GLU A 179 4.06 -0.90 6.32
CA GLU A 179 3.91 0.07 5.25
C GLU A 179 5.13 0.99 5.20
N TYR A 180 5.55 1.48 6.34
CA TYR A 180 6.63 2.45 6.36
C TYR A 180 7.94 1.78 5.95
N ALA A 181 8.22 0.57 6.46
CA ALA A 181 9.44 -0.12 6.08
C ALA A 181 9.45 -0.45 4.60
N LEU A 182 8.31 -0.87 4.07
CA LEU A 182 8.20 -1.16 2.65
C LEU A 182 8.42 0.11 1.82
N ALA A 183 7.82 1.23 2.22
CA ALA A 183 8.06 2.48 1.49
C ALA A 183 9.55 2.86 1.49
N ARG A 184 10.20 2.81 2.66
CA ARG A 184 11.62 3.16 2.74
C ARG A 184 12.47 2.24 1.86
N THR A 185 12.13 0.95 1.84
CA THR A 185 12.86 0.01 0.99
C THR A 185 12.77 0.42 -0.48
N LEU A 186 11.56 0.76 -0.95
CA LEU A 186 11.41 1.17 -2.34
C LEU A 186 12.16 2.47 -2.63
N MET A 187 12.12 3.41 -1.68
CA MET A 187 12.82 4.67 -1.92
C MET A 187 14.34 4.46 -1.94
N GLU A 188 14.82 3.53 -1.11
CA GLU A 188 16.23 3.19 -1.17
C GLU A 188 16.62 2.65 -2.54
N GLU A 189 15.72 1.96 -3.23
CA GLU A 189 15.95 1.55 -4.61
C GLU A 189 15.93 2.73 -5.57
N GLY A 190 15.60 3.93 -5.12
CA GLY A 190 15.41 5.02 -6.05
C GLY A 190 14.03 5.16 -6.63
N VAL A 191 13.05 4.40 -6.14
CA VAL A 191 11.66 4.63 -6.48
C VAL A 191 11.13 5.61 -5.44
N ARG A 192 11.17 6.89 -5.77
CA ARG A 192 10.62 7.83 -4.83
C ARG A 192 9.29 8.34 -5.34
N PRO A 193 8.31 8.55 -4.47
CA PRO A 193 6.98 8.91 -4.95
C PRO A 193 6.88 10.41 -5.23
N ASP A 194 6.20 10.75 -6.32
CA ASP A 194 5.84 12.13 -6.61
C ASP A 194 4.56 12.56 -5.89
N ALA A 195 3.75 11.60 -5.43
CA ALA A 195 2.54 11.91 -4.70
C ALA A 195 2.20 10.72 -3.81
N LEU A 196 1.42 11.00 -2.78
CA LEU A 196 1.02 9.99 -1.81
C LEU A 196 -0.47 10.07 -1.56
N ILE A 197 -1.09 8.93 -1.35
CA ILE A 197 -2.44 8.90 -0.79
C ILE A 197 -2.54 7.71 0.18
N GLY A 198 -3.13 7.97 1.35
CA GLY A 198 -3.36 6.93 2.33
C GLY A 198 -4.85 6.72 2.55
N HIS A 199 -5.23 5.53 3.02
CA HIS A 199 -6.61 5.25 3.38
C HIS A 199 -6.64 5.06 4.88
N SER A 200 -7.38 5.93 5.58
CA SER A 200 -7.58 5.79 7.02
C SER A 200 -6.21 5.82 7.69
N LEU A 201 -5.76 4.72 8.28
CA LEU A 201 -4.47 4.68 8.96
C LEU A 201 -3.32 4.94 8.02
N GLY A 202 -3.47 4.57 6.74
CA GLY A 202 -2.43 4.84 5.77
C GLY A 202 -2.15 6.31 5.59
N GLU A 203 -3.04 7.18 6.03
CA GLU A 203 -2.75 8.61 5.91
C GLU A 203 -1.63 9.02 6.85
N TYR A 204 -1.50 8.35 8.01
CA TYR A 204 -0.38 8.63 8.89
C TYR A 204 0.93 8.19 8.24
N THR A 205 0.93 7.03 7.60
CA THR A 205 2.12 6.62 6.89
C THR A 205 2.48 7.63 5.81
N ALA A 206 1.46 8.11 5.07
CA ALA A 206 1.70 9.10 4.03
C ALA A 206 2.29 10.36 4.62
N ALA A 207 1.73 10.83 5.74
CA ALA A 207 2.24 12.02 6.41
C ALA A 207 3.71 11.87 6.81
N CYS A 208 4.10 10.68 7.31
CA CYS A 208 5.51 10.46 7.68
C CYS A 208 6.40 10.46 6.45
N LEU A 209 6.00 9.74 5.41
CA LEU A 209 6.76 9.73 4.17
C LEU A 209 6.85 11.14 3.55
N ALA A 210 5.84 11.97 3.76
CA ALA A 210 5.79 13.28 3.12
C ALA A 210 6.52 14.36 3.90
N GLY A 211 7.02 14.04 5.08
CA GLY A 211 7.68 15.01 5.91
C GLY A 211 6.76 15.77 6.85
N VAL A 212 5.45 15.55 6.78
CA VAL A 212 4.51 16.25 7.64
C VAL A 212 4.74 15.88 9.10
N MET A 213 5.10 14.62 9.35
CA MET A 213 5.35 14.11 10.69
C MET A 213 6.66 13.35 10.67
N GLU A 214 7.25 13.24 11.86
CA GLU A 214 8.45 12.47 12.08
C GLU A 214 8.06 11.09 12.57
N ILE A 215 8.62 10.05 11.96
CA ILE A 215 8.16 8.70 12.26
C ILE A 215 8.36 8.39 13.74
N ASP A 216 9.42 8.93 14.35
CA ASP A 216 9.69 8.68 15.76
C ASP A 216 8.65 9.27 16.69
N GLU A 217 8.16 10.46 16.40
CA GLU A 217 7.09 11.01 17.23
C GLU A 217 5.75 10.41 16.89
N ALA A 218 5.57 10.01 15.64
CA ALA A 218 4.27 9.53 15.19
C ALA A 218 3.97 8.14 15.76
N LEU A 219 4.99 7.29 15.92
CA LEU A 219 4.74 5.90 16.35
C LEU A 219 3.92 5.85 17.63
N PRO A 220 4.36 6.47 18.76
CA PRO A 220 3.53 6.34 19.98
C PRO A 220 2.20 7.05 19.88
N VAL A 221 2.09 8.09 19.05
CA VAL A 221 0.81 8.80 18.97
C VAL A 221 -0.20 7.97 18.21
N VAL A 222 0.23 7.38 17.09
CA VAL A 222 -0.65 6.44 16.37
C VAL A 222 -1.07 5.29 17.27
N ALA A 223 -0.13 4.75 18.06
CA ALA A 223 -0.46 3.69 19.01
C ALA A 223 -1.57 4.11 19.98
N GLU A 224 -1.44 5.29 20.61
CA GLU A 224 -2.49 5.72 21.54
C GLU A 224 -3.77 6.11 20.82
N ARG A 225 -3.67 6.64 19.60
CA ARG A 225 -4.85 6.85 18.78
C ARG A 225 -5.66 5.55 18.63
N ILE A 226 -4.98 4.45 18.25
CA ILE A 226 -5.68 3.18 18.06
C ILE A 226 -6.35 2.70 19.35
N ARG A 227 -5.67 2.81 20.51
CA ARG A 227 -6.34 2.44 21.75
C ARG A 227 -7.60 3.26 21.97
N LEU A 228 -7.54 4.58 21.76
CA LEU A 228 -8.71 5.41 22.00
C LEU A 228 -9.87 5.06 21.05
N ILE A 229 -9.56 4.75 19.78
CA ILE A 229 -10.61 4.32 18.87
C ILE A 229 -11.12 2.94 19.26
N ALA A 230 -10.21 1.98 19.46
CA ALA A 230 -10.61 0.59 19.72
C ALA A 230 -11.55 0.48 20.91
N SER A 231 -11.36 1.30 21.92
CA SER A 231 -12.14 1.17 23.14
C SER A 231 -13.42 2.00 23.11
N SER A 232 -13.74 2.64 21.99
CA SER A 232 -15.00 3.37 21.90
C SER A 232 -16.19 2.49 21.54
N GLY A 233 -16.00 1.19 21.29
CA GLY A 233 -17.08 0.27 20.92
C GLY A 233 -17.68 0.59 19.55
N GLY A 234 -18.83 -0.04 19.29
CA GLY A 234 -19.56 0.13 18.04
C GLY A 234 -19.17 -0.91 17.00
N ALA A 235 -19.65 -0.70 15.77
CA ALA A 235 -19.44 -1.67 14.71
C ALA A 235 -19.30 -0.95 13.37
N THR A 236 -18.82 -1.71 12.39
CA THR A 236 -18.51 -1.20 11.06
C THR A 236 -18.92 -2.27 10.04
N VAL A 237 -19.64 -1.84 9.01
CA VAL A 237 -20.07 -2.73 7.93
C VAL A 237 -19.56 -2.19 6.60
N GLY A 238 -18.88 -3.04 5.83
CA GLY A 238 -18.53 -2.70 4.46
C GLY A 238 -19.65 -3.12 3.51
N VAL A 239 -20.04 -2.20 2.64
CA VAL A 239 -21.19 -2.39 1.75
C VAL A 239 -20.71 -2.30 0.30
N ALA A 240 -20.98 -3.34 -0.48
CA ALA A 240 -20.59 -3.41 -1.89
C ALA A 240 -21.66 -2.73 -2.75
N ALA A 241 -21.68 -1.40 -2.63
CA ALA A 241 -22.61 -0.59 -3.39
C ALA A 241 -22.15 0.85 -3.36
N CYS A 242 -22.52 1.56 -4.42
CA CYS A 242 -22.46 3.01 -4.50
C CYS A 242 -22.94 3.67 -3.21
N ALA A 243 -22.24 4.74 -2.80
CA ALA A 243 -22.67 5.49 -1.61
C ALA A 243 -24.05 6.10 -1.79
N ASP A 244 -24.41 6.51 -3.02
CA ASP A 244 -25.74 7.04 -3.30
C ASP A 244 -26.83 6.03 -2.95
N THR A 245 -26.59 4.74 -3.22
CA THR A 245 -27.56 3.72 -2.84
C THR A 245 -27.64 3.57 -1.32
N VAL A 246 -26.52 3.76 -0.62
CA VAL A 246 -26.49 3.47 0.81
C VAL A 246 -27.00 4.66 1.65
N LEU A 247 -26.72 5.89 1.21
CA LEU A 247 -27.07 7.08 1.98
C LEU A 247 -28.50 7.09 2.50
N PRO A 248 -29.55 6.85 1.69
CA PRO A 248 -30.92 6.98 2.23
C PRO A 248 -31.23 6.05 3.39
N LEU A 249 -30.46 4.97 3.57
CA LEU A 249 -30.73 4.00 4.62
C LEU A 249 -30.10 4.37 5.96
N LEU A 250 -29.43 5.53 6.06
CA LEU A 250 -28.80 5.99 7.31
C LEU A 250 -29.56 7.21 7.81
N GLY A 251 -30.06 7.26 9.02
CA GLY A 251 -30.03 6.24 10.02
C GLY A 251 -29.46 7.01 11.20
N GLU A 252 -30.12 6.95 12.34
CA GLU A 252 -29.64 7.64 13.50
C GLU A 252 -28.79 6.62 14.14
N GLY A 253 -27.60 7.02 14.53
CA GLY A 253 -26.67 6.12 15.13
C GLY A 253 -25.72 5.59 14.11
N LEU A 254 -25.79 6.11 12.90
CA LEU A 254 -24.93 5.63 11.83
C LEU A 254 -24.22 6.78 11.14
N SER A 255 -22.98 6.55 10.78
CA SER A 255 -22.22 7.48 9.96
C SER A 255 -21.70 6.75 8.74
N LEU A 256 -21.61 7.48 7.63
CA LEU A 256 -20.88 7.04 6.46
C LEU A 256 -19.38 7.09 6.78
N ALA A 257 -18.76 5.93 6.99
CA ALA A 257 -17.38 5.89 7.44
C ALA A 257 -16.40 6.08 6.28
N ALA A 258 -16.69 5.53 5.10
CA ALA A 258 -15.81 5.72 3.95
C ALA A 258 -16.62 5.62 2.67
N VAL A 259 -16.15 6.35 1.66
CA VAL A 259 -16.63 6.24 0.29
C VAL A 259 -15.43 5.84 -0.55
N ASN A 260 -15.42 4.59 -1.00
CA ASN A 260 -14.15 4.04 -1.47
C ASN A 260 -14.05 3.88 -2.99
N SER A 261 -15.17 3.62 -3.69
CA SER A 261 -15.20 3.35 -5.11
C SER A 261 -16.67 3.21 -5.49
N PRO A 262 -17.01 3.22 -6.79
CA PRO A 262 -18.43 3.15 -7.15
C PRO A 262 -19.15 1.91 -6.63
N VAL A 263 -18.44 0.88 -6.17
CA VAL A 263 -19.06 -0.31 -5.60
C VAL A 263 -18.56 -0.60 -4.18
N ALA A 264 -18.04 0.40 -3.48
CA ALA A 264 -17.54 0.12 -2.12
C ALA A 264 -17.74 1.35 -1.24
N CYS A 265 -18.38 1.14 -0.10
CA CYS A 265 -18.39 2.16 0.95
C CYS A 265 -18.60 1.46 2.28
N THR A 266 -18.37 2.19 3.37
CA THR A 266 -18.49 1.54 4.67
C THR A 266 -19.28 2.44 5.62
N VAL A 267 -19.98 1.79 6.55
CA VAL A 267 -20.89 2.47 7.47
C VAL A 267 -20.53 2.05 8.89
N ALA A 268 -20.52 3.02 9.81
CA ALA A 268 -20.12 2.72 11.17
C ALA A 268 -21.07 3.43 12.15
N GLY A 269 -21.21 2.88 13.34
CA GLY A 269 -22.03 3.49 14.37
C GLY A 269 -22.32 2.50 15.49
N ASP A 270 -23.38 2.79 16.23
CA ASP A 270 -23.80 1.91 17.32
C ASP A 270 -24.10 0.51 16.78
N THR A 271 -23.77 -0.52 17.56
CA THR A 271 -23.97 -1.88 17.07
C THR A 271 -25.42 -2.17 16.73
N ASP A 272 -26.37 -1.63 17.49
CA ASP A 272 -27.78 -1.89 17.20
C ASP A 272 -28.21 -1.25 15.89
N ALA A 273 -27.80 -0.01 15.65
CA ALA A 273 -28.12 0.63 14.37
C ALA A 273 -27.49 -0.13 13.21
N VAL A 274 -26.29 -0.68 13.40
CA VAL A 274 -25.64 -1.44 12.34
C VAL A 274 -26.42 -2.71 12.05
N ASP A 275 -26.84 -3.44 13.10
CA ASP A 275 -27.67 -4.64 12.92
C ASP A 275 -28.91 -4.34 12.10
N ARG A 276 -29.60 -3.24 12.40
CA ARG A 276 -30.79 -2.90 11.64
C ARG A 276 -30.45 -2.66 10.18
N LEU A 277 -29.40 -1.87 9.93
CA LEU A 277 -28.98 -1.60 8.56
C LEU A 277 -28.71 -2.89 7.77
N GLU A 278 -28.08 -3.88 8.42
CA GLU A 278 -27.81 -5.13 7.72
C GLU A 278 -29.11 -5.86 7.38
N ALA A 279 -30.14 -5.75 8.24
CA ALA A 279 -31.44 -6.32 7.92
C ALA A 279 -32.08 -5.61 6.73
N GLU A 280 -31.99 -4.28 6.68
CA GLU A 280 -32.61 -3.60 5.54
C GLU A 280 -31.78 -3.77 4.27
N LEU A 281 -30.46 -3.96 4.41
CA LEU A 281 -29.62 -4.26 3.25
C LEU A 281 -29.95 -5.64 2.69
N THR A 282 -30.09 -6.63 3.57
CA THR A 282 -30.48 -7.96 3.12
C THR A 282 -31.80 -7.92 2.36
N ARG A 283 -32.76 -7.15 2.86
CA ARG A 283 -34.07 -7.12 2.22
C ARG A 283 -34.04 -6.46 0.84
N ARG A 284 -33.00 -5.70 0.52
CA ARG A 284 -32.87 -5.09 -0.80
C ARG A 284 -31.82 -5.79 -1.65
N GLY A 285 -31.25 -6.89 -1.16
CA GLY A 285 -30.25 -7.59 -1.96
C GLY A 285 -28.91 -6.89 -2.10
N VAL A 286 -28.54 -6.00 -1.17
CA VAL A 286 -27.27 -5.29 -1.23
C VAL A 286 -26.23 -6.14 -0.49
N PRO A 287 -25.15 -6.57 -1.15
CA PRO A 287 -24.15 -7.37 -0.42
C PRO A 287 -23.33 -6.49 0.54
N PHE A 288 -22.95 -7.07 1.65
CA PHE A 288 -22.27 -6.34 2.71
C PHE A 288 -21.48 -7.35 3.51
N ARG A 289 -20.50 -6.85 4.26
CA ARG A 289 -19.86 -7.71 5.24
C ARG A 289 -19.47 -6.92 6.50
N ARG A 290 -19.87 -7.45 7.64
CA ARG A 290 -19.45 -6.92 8.92
C ARG A 290 -17.92 -7.00 9.04
N LEU A 291 -17.29 -5.89 9.33
CA LEU A 291 -15.86 -5.93 9.49
C LEU A 291 -15.56 -6.57 10.83
N ARG A 292 -14.45 -7.25 10.89
CA ARG A 292 -14.02 -7.99 12.06
C ARG A 292 -13.93 -7.16 13.33
N MET A 293 -13.14 -6.10 13.24
CA MET A 293 -12.92 -5.12 14.30
C MET A 293 -14.24 -4.56 14.85
N PRO A 294 -14.64 -4.89 16.23
CA PRO A 294 -15.76 -4.15 16.85
C PRO A 294 -15.34 -2.75 17.28
N ALA A 295 -15.08 -1.91 16.29
CA ALA A 295 -14.86 -0.48 16.45
C ALA A 295 -15.73 0.25 15.45
N ALA A 296 -15.77 1.58 15.56
CA ALA A 296 -16.58 2.40 14.68
C ALA A 296 -15.80 3.69 14.36
N ALA A 297 -14.60 3.52 13.84
CA ALA A 297 -13.82 4.63 13.32
C ALA A 297 -14.66 5.48 12.35
N HIS A 298 -14.35 6.77 12.31
CA HIS A 298 -14.97 7.70 11.37
C HIS A 298 -16.48 7.82 11.60
N SER A 299 -16.90 7.77 12.86
CA SER A 299 -18.30 7.94 13.20
C SER A 299 -18.44 8.71 14.50
N HIS A 300 -19.67 9.18 14.73
CA HIS A 300 -20.02 9.87 15.96
C HIS A 300 -19.61 9.10 17.22
N VAL A 301 -19.51 7.77 17.16
CA VAL A 301 -19.12 6.97 18.33
C VAL A 301 -17.80 7.48 18.93
N LEU A 302 -17.02 8.21 18.13
CA LEU A 302 -15.69 8.65 18.55
C LEU A 302 -15.69 10.01 19.25
N ASP A 303 -16.80 10.75 19.22
CA ASP A 303 -16.85 12.08 19.84
C ASP A 303 -16.27 12.13 21.25
N PRO A 304 -16.63 11.23 22.20
CA PRO A 304 -16.06 11.34 23.56
C PRO A 304 -14.54 11.36 23.65
N ILE A 305 -13.80 10.90 22.65
CA ILE A 305 -12.35 10.79 22.79
C ILE A 305 -11.60 11.75 21.86
N LEU A 306 -12.32 12.64 21.17
CA LEU A 306 -11.65 13.51 20.20
C LEU A 306 -10.69 14.49 20.89
N GLU A 307 -11.10 15.10 22.01
CA GLU A 307 -10.24 16.09 22.65
C GLU A 307 -9.02 15.44 23.29
N SER A 308 -9.22 14.32 23.96
CA SER A 308 -8.05 13.60 24.46
C SER A 308 -7.10 13.26 23.34
N PHE A 309 -7.63 12.82 22.21
CA PHE A 309 -6.76 12.47 21.09
C PHE A 309 -6.01 13.69 20.58
N ALA A 310 -6.68 14.83 20.51
CA ALA A 310 -6.02 16.09 20.15
C ALA A 310 -4.84 16.39 21.07
N GLY A 311 -4.98 16.09 22.37
CA GLY A 311 -3.86 16.23 23.28
C GLY A 311 -2.64 15.47 22.81
N HIS A 312 -2.84 14.26 22.27
CA HIS A 312 -1.71 13.51 21.72
C HIS A 312 -1.20 14.14 20.42
N LEU A 313 -2.11 14.64 19.60
CA LEU A 313 -1.68 15.29 18.36
C LEU A 313 -0.84 16.52 18.66
N ARG A 314 -1.11 17.22 19.77
CA ARG A 314 -0.36 18.42 20.08
C ARG A 314 1.11 18.15 20.38
N THR A 315 1.51 16.91 20.63
CA THR A 315 2.92 16.61 20.85
C THR A 315 3.71 16.42 19.57
N LEU A 316 3.06 16.41 18.40
CA LEU A 316 3.78 16.24 17.14
C LEU A 316 4.29 17.58 16.61
N THR A 317 5.49 17.55 16.03
CA THR A 317 5.98 18.70 15.25
C THR A 317 5.50 18.52 13.82
N LEU A 318 4.46 19.27 13.42
CA LEU A 318 3.88 19.17 12.09
C LEU A 318 4.50 20.22 11.16
N ARG A 319 4.86 19.80 9.96
CA ARG A 319 5.51 20.62 8.95
C ARG A 319 4.76 20.46 7.63
N PRO A 320 4.85 21.46 6.75
CA PRO A 320 4.20 21.32 5.44
C PRO A 320 4.75 20.13 4.69
N PRO A 321 3.94 19.51 3.84
CA PRO A 321 4.42 18.31 3.13
C PRO A 321 5.51 18.67 2.12
N ARG A 322 6.56 17.87 2.14
CA ARG A 322 7.63 17.96 1.14
C ARG A 322 7.36 17.08 -0.08
N ILE A 323 6.47 16.09 0.05
CA ILE A 323 5.90 15.39 -1.08
C ILE A 323 4.40 15.61 -1.01
N PRO A 324 3.74 16.01 -2.08
CA PRO A 324 2.30 16.25 -2.00
C PRO A 324 1.52 14.96 -1.75
N TYR A 325 0.43 15.10 -1.01
CA TYR A 325 -0.45 13.98 -0.73
C TYR A 325 -1.88 14.49 -0.65
N VAL A 326 -2.85 13.64 -0.99
CA VAL A 326 -4.25 14.03 -0.81
C VAL A 326 -4.75 13.41 0.49
N THR A 327 -5.50 14.21 1.27
CA THR A 327 -6.08 13.73 2.52
C THR A 327 -7.45 13.13 2.26
N ASN A 328 -7.81 12.13 3.06
CA ASN A 328 -9.17 11.59 3.02
C ASN A 328 -10.21 12.58 3.52
N VAL A 329 -9.81 13.67 4.19
CA VAL A 329 -10.80 14.57 4.77
C VAL A 329 -11.60 15.27 3.68
N THR A 330 -10.91 15.82 2.68
CA THR A 330 -11.55 16.52 1.57
C THR A 330 -11.51 15.75 0.26
N GLY A 331 -10.81 14.62 0.20
CA GLY A 331 -10.62 13.96 -1.07
C GLY A 331 -9.85 14.78 -2.08
N ASP A 332 -8.97 15.65 -1.62
CA ASP A 332 -8.21 16.55 -2.46
C ASP A 332 -6.82 16.71 -1.86
N TRP A 333 -5.92 17.35 -2.62
CA TRP A 333 -4.57 17.65 -2.12
C TRP A 333 -4.62 18.39 -0.79
N ALA A 334 -3.76 17.99 0.14
CA ALA A 334 -3.69 18.64 1.44
C ALA A 334 -2.95 19.96 1.31
N THR A 335 -3.54 21.02 1.85
CA THR A 335 -2.87 22.30 1.97
C THR A 335 -1.90 22.27 3.13
N ASP A 336 -0.90 23.17 3.07
CA ASP A 336 0.02 23.34 4.19
C ASP A 336 -0.72 23.66 5.49
N ALA A 337 -1.77 24.49 5.41
CA ALA A 337 -2.50 24.83 6.62
C ALA A 337 -3.16 23.60 7.21
N GLN A 338 -3.70 22.72 6.35
CA GLN A 338 -4.34 21.49 6.83
C GLN A 338 -3.31 20.53 7.42
N ALA A 339 -2.22 20.27 6.69
CA ALA A 339 -1.24 19.29 7.14
C ALA A 339 -0.70 19.64 8.52
N THR A 340 -0.61 20.93 8.85
CA THR A 340 -0.02 21.39 10.09
C THR A 340 -1.06 21.77 11.15
N ASP A 341 -2.32 21.41 10.94
CA ASP A 341 -3.40 21.81 11.85
C ASP A 341 -3.90 20.60 12.65
N VAL A 342 -3.85 20.72 13.98
CA VAL A 342 -4.32 19.64 14.85
C VAL A 342 -5.78 19.31 14.56
N GLY A 343 -6.61 20.33 14.34
CA GLY A 343 -8.03 20.12 14.12
C GLY A 343 -8.34 19.36 12.85
N HIS A 344 -7.52 19.55 11.80
CA HIS A 344 -7.67 18.76 10.58
C HIS A 344 -7.41 17.28 10.85
N TRP A 345 -6.36 16.98 11.62
CA TRP A 345 -6.10 15.58 11.94
C TRP A 345 -7.19 14.99 12.83
N VAL A 346 -7.79 15.79 13.71
CA VAL A 346 -8.96 15.31 14.42
C VAL A 346 -10.08 14.98 13.43
N ASP A 347 -10.34 15.88 12.49
CA ASP A 347 -11.33 15.61 11.44
C ASP A 347 -11.01 14.35 10.68
N HIS A 348 -9.72 14.10 10.41
CA HIS A 348 -9.36 12.90 9.68
C HIS A 348 -9.84 11.65 10.41
N THR A 349 -9.83 11.68 11.74
CA THR A 349 -10.26 10.54 12.53
C THR A 349 -11.78 10.43 12.61
N ARG A 350 -12.48 11.57 12.69
CA ARG A 350 -13.92 11.59 12.93
C ARG A 350 -14.77 11.53 11.65
N ARG A 351 -14.25 12.02 10.52
CA ARG A 351 -15.06 12.23 9.32
C ARG A 351 -14.86 11.14 8.26
N THR A 352 -15.76 11.15 7.29
CA THR A 352 -15.75 10.18 6.21
C THR A 352 -14.41 10.16 5.51
N VAL A 353 -13.90 8.94 5.27
CA VAL A 353 -12.75 8.73 4.41
C VAL A 353 -13.18 8.88 2.96
N ARG A 354 -12.85 10.02 2.34
CA ARG A 354 -13.22 10.30 0.94
C ARG A 354 -12.14 9.78 -0.02
N PHE A 355 -11.96 8.47 -0.01
CA PHE A 355 -10.87 7.90 -0.80
C PHE A 355 -11.16 7.93 -2.31
N ALA A 356 -12.38 7.58 -2.73
CA ALA A 356 -12.72 7.55 -4.15
C ALA A 356 -12.48 8.91 -4.82
N ASP A 357 -12.95 9.99 -4.19
CA ASP A 357 -12.63 11.34 -4.64
C ASP A 357 -11.13 11.57 -4.63
N GLY A 358 -10.47 11.21 -3.51
CA GLY A 358 -9.05 11.45 -3.39
C GLY A 358 -8.26 10.77 -4.49
N ILE A 359 -8.66 9.55 -4.86
CA ILE A 359 -7.95 8.86 -5.93
C ILE A 359 -8.23 9.51 -7.29
N ALA A 360 -9.42 10.06 -7.51
CA ALA A 360 -9.67 10.85 -8.72
C ALA A 360 -8.84 12.14 -8.76
N ALA A 361 -8.73 12.83 -7.62
CA ALA A 361 -7.87 14.02 -7.57
C ALA A 361 -6.42 13.67 -7.85
N LEU A 362 -5.95 12.54 -7.33
CA LEU A 362 -4.56 12.11 -7.55
C LEU A 362 -4.32 11.81 -9.02
N TRP A 363 -5.31 11.22 -9.67
CA TRP A 363 -5.17 10.77 -11.06
C TRP A 363 -5.17 11.94 -12.03
N GLU A 364 -6.14 12.85 -11.86
CA GLU A 364 -6.31 13.99 -12.75
C GLU A 364 -5.03 14.81 -12.88
N ARG A 365 -4.34 15.07 -11.77
CA ARG A 365 -3.13 15.88 -11.87
C ARG A 365 -2.00 15.09 -12.51
N GLU A 366 -1.57 14.00 -11.87
CA GLU A 366 -0.30 13.38 -12.26
C GLU A 366 -0.45 12.26 -13.31
N ARG A 367 -1.62 11.60 -13.38
CA ARG A 367 -1.78 10.33 -14.10
C ARG A 367 -0.63 9.37 -13.77
N PRO A 368 -0.36 9.11 -12.50
CA PRO A 368 0.85 8.36 -12.15
C PRO A 368 0.63 6.85 -12.20
N VAL A 369 1.77 6.14 -12.23
CA VAL A 369 1.77 4.74 -11.86
C VAL A 369 1.35 4.66 -10.39
N LEU A 370 0.40 3.77 -10.10
CA LEU A 370 -0.18 3.62 -8.77
C LEU A 370 0.45 2.40 -8.09
N VAL A 371 1.21 2.63 -7.03
CA VAL A 371 1.97 1.57 -6.36
C VAL A 371 1.39 1.39 -4.98
N GLU A 372 0.81 0.21 -4.74
CA GLU A 372 0.26 -0.07 -3.42
C GLU A 372 1.38 -0.49 -2.50
N ILE A 373 1.50 0.18 -1.35
CA ILE A 373 2.58 -0.03 -0.40
C ILE A 373 1.98 -0.66 0.86
N GLY A 374 2.03 -1.98 0.96
CA GLY A 374 1.38 -2.67 2.04
C GLY A 374 0.88 -4.01 1.54
N PRO A 375 0.36 -4.86 2.45
CA PRO A 375 -0.07 -6.19 2.03
C PRO A 375 -1.37 -6.14 1.24
N GLY A 376 -1.40 -6.83 0.11
CA GLY A 376 -2.63 -7.03 -0.63
C GLY A 376 -2.84 -6.04 -1.75
N ASP A 377 -4.09 -5.97 -2.20
CA ASP A 377 -4.43 -5.16 -3.37
C ASP A 377 -5.76 -4.44 -3.17
N SER A 378 -6.09 -4.06 -1.94
CA SER A 378 -7.39 -3.47 -1.67
C SER A 378 -7.52 -2.08 -2.31
N LEU A 379 -6.50 -1.22 -2.19
CA LEU A 379 -6.61 0.11 -2.80
C LEU A 379 -6.48 0.02 -4.31
N THR A 380 -5.72 -0.96 -4.80
CA THR A 380 -5.62 -1.19 -6.24
C THR A 380 -6.99 -1.50 -6.85
N LYS A 381 -7.79 -2.35 -6.18
CA LYS A 381 -9.12 -2.64 -6.70
C LYS A 381 -10.01 -1.39 -6.67
N LEU A 382 -9.94 -0.60 -5.59
CA LEU A 382 -10.71 0.65 -5.54
C LEU A 382 -10.29 1.61 -6.65
N ALA A 383 -8.97 1.73 -6.89
CA ALA A 383 -8.47 2.61 -7.96
C ALA A 383 -9.00 2.17 -9.32
N ARG A 384 -8.90 0.87 -9.64
CA ARG A 384 -9.43 0.36 -10.90
C ARG A 384 -10.92 0.66 -11.06
N ALA A 385 -11.72 0.51 -10.00
CA ALA A 385 -13.16 0.78 -10.11
C ALA A 385 -13.41 2.27 -10.31
N ARG A 386 -12.68 3.11 -9.58
CA ARG A 386 -12.93 4.54 -9.67
C ARG A 386 -12.40 5.13 -10.96
N LEU A 387 -11.26 4.63 -11.44
CA LEU A 387 -10.59 5.20 -12.60
C LEU A 387 -10.91 4.42 -13.86
N ASP A 388 -11.97 3.66 -13.86
CA ASP A 388 -12.34 2.97 -15.06
C ASP A 388 -12.88 4.10 -15.93
N GLY A 389 -12.54 4.21 -17.20
CA GLY A 389 -11.66 3.35 -17.93
C GLY A 389 -10.61 4.31 -18.51
N GLU A 390 -9.81 4.86 -17.61
CA GLU A 390 -8.74 5.76 -17.90
C GLU A 390 -7.44 5.01 -18.05
N GLY A 391 -7.49 3.72 -17.77
CA GLY A 391 -6.36 2.83 -17.82
C GLY A 391 -5.26 3.04 -16.81
N PRO A 392 -5.47 3.03 -15.48
CA PRO A 392 -4.22 3.23 -14.73
C PRO A 392 -3.31 2.01 -14.80
N VAL A 393 -2.00 2.28 -14.76
CA VAL A 393 -1.04 1.22 -14.50
C VAL A 393 -0.88 1.08 -13.00
N THR A 394 -1.09 -0.12 -12.48
CA THR A 394 -1.07 -0.33 -11.04
C THR A 394 0.00 -1.36 -10.72
N VAL A 395 0.64 -1.18 -9.57
CA VAL A 395 1.70 -2.09 -9.16
C VAL A 395 1.43 -2.45 -7.71
N THR A 396 1.64 -3.71 -7.42
CA THR A 396 1.36 -4.29 -6.13
C THR A 396 2.66 -4.81 -5.53
N THR A 397 2.77 -4.80 -4.23
CA THR A 397 4.07 -4.79 -3.63
C THR A 397 4.24 -5.84 -2.53
N MET A 398 3.17 -6.43 -2.02
CA MET A 398 3.26 -7.40 -0.94
C MET A 398 2.05 -8.32 -0.99
N ARG A 399 2.29 -9.62 -0.83
CA ARG A 399 1.25 -10.63 -1.03
C ARG A 399 0.15 -10.55 0.03
N HIS A 400 -1.03 -11.07 -0.33
CA HIS A 400 -2.09 -11.37 0.64
C HIS A 400 -1.64 -12.45 1.62
N ALA A 401 -2.33 -12.54 2.74
CA ALA A 401 -2.03 -13.51 3.77
C ALA A 401 -2.69 -14.51 2.87
N LYS A 402 -2.17 -15.72 2.84
CA LYS A 402 -2.70 -16.74 1.98
C LYS A 402 -1.78 -17.06 0.81
N ALA A 403 -1.24 -16.04 0.16
CA ALA A 403 -0.37 -16.26 -0.98
C ALA A 403 0.87 -17.07 -0.70
N GLN A 404 1.27 -17.85 -1.69
CA GLN A 404 2.41 -18.72 -1.56
C GLN A 404 3.73 -18.19 -2.06
N ALA A 405 3.73 -17.04 -2.73
CA ALA A 405 4.96 -16.47 -3.26
C ALA A 405 5.83 -15.91 -2.14
N ALA A 406 7.14 -15.98 -2.34
CA ALA A 406 8.08 -15.37 -1.41
C ALA A 406 8.03 -13.85 -1.51
N ASP A 407 8.21 -13.19 -0.36
CA ASP A 407 8.18 -11.73 -0.34
C ASP A 407 9.19 -11.13 -1.33
N GLY A 408 10.38 -11.71 -1.41
CA GLY A 408 11.39 -11.18 -2.31
C GLY A 408 11.01 -11.29 -3.77
N PHE A 409 10.24 -12.31 -4.11
CA PHE A 409 9.77 -12.46 -5.49
C PHE A 409 8.75 -11.38 -5.82
N VAL A 410 7.76 -11.22 -4.94
CA VAL A 410 6.72 -10.21 -5.16
C VAL A 410 7.34 -8.84 -5.33
N LEU A 411 8.37 -8.54 -4.54
CA LEU A 411 9.04 -7.24 -4.65
C LEU A 411 9.88 -7.13 -5.92
N ALA A 412 10.61 -8.19 -6.29
CA ALA A 412 11.34 -8.16 -7.54
C ALA A 412 10.40 -7.97 -8.74
N GLU A 413 9.25 -8.64 -8.72
CA GLU A 413 8.23 -8.43 -9.76
C GLU A 413 7.77 -6.99 -9.80
N ALA A 414 7.49 -6.40 -8.62
CA ALA A 414 7.04 -5.01 -8.59
C ALA A 414 8.06 -4.10 -9.24
N LEU A 415 9.34 -4.26 -8.88
CA LEU A 415 10.40 -3.41 -9.42
C LEU A 415 10.58 -3.62 -10.92
N GLY A 416 10.57 -4.89 -11.38
CA GLY A 416 10.59 -5.13 -12.81
C GLY A 416 9.47 -4.43 -13.54
N ARG A 417 8.28 -4.53 -12.99
CA ARG A 417 7.12 -3.88 -13.55
C ARG A 417 7.19 -2.37 -13.54
N LEU A 418 7.69 -1.79 -12.48
CA LEU A 418 7.93 -0.35 -12.44
C LEU A 418 8.94 0.08 -13.50
N TRP A 419 9.99 -0.71 -13.69
CA TRP A 419 10.93 -0.41 -14.77
C TRP A 419 10.26 -0.54 -16.13
N SER A 420 9.48 -1.60 -16.34
CA SER A 420 8.79 -1.76 -17.61
C SER A 420 7.90 -0.58 -17.93
N ALA A 421 7.29 0.04 -16.92
CA ALA A 421 6.38 1.16 -17.13
C ALA A 421 7.11 2.48 -17.36
N GLY A 422 8.44 2.48 -17.26
CA GLY A 422 9.20 3.68 -17.47
C GLY A 422 9.85 4.30 -16.26
N VAL A 423 9.81 3.64 -15.10
CA VAL A 423 10.50 4.15 -13.91
C VAL A 423 11.89 3.52 -13.87
N ASP A 424 12.84 4.13 -14.57
CA ASP A 424 14.12 3.46 -14.84
C ASP A 424 14.86 3.11 -13.56
N ALA A 425 14.82 3.98 -12.55
CA ALA A 425 15.54 3.71 -11.32
C ALA A 425 15.04 2.48 -10.57
N ALA A 426 13.89 1.91 -10.96
CA ALA A 426 13.35 0.77 -10.23
C ALA A 426 14.15 -0.50 -10.47
N LEU A 427 14.80 -0.61 -11.61
CA LEU A 427 15.57 -1.81 -11.93
C LEU A 427 16.76 -1.95 -10.98
N PRO A 428 16.86 -3.05 -10.20
CA PRO A 428 17.94 -3.14 -9.20
C PRO A 428 19.33 -3.36 -9.81
N HIS A 429 20.31 -3.57 -8.93
CA HIS A 429 21.71 -3.21 -9.18
C HIS A 429 21.75 -1.69 -9.38
#